data_8K30
#
_entry.id   8K30
#
_cell.length_a   157.940
_cell.length_b   29.147
_cell.length_c   99.179
_cell.angle_alpha   90.000
_cell.angle_beta   118.002
_cell.angle_gamma   90.000
#
_symmetry.space_group_name_H-M   'C 1 2 1'
#
loop_
_entity.id
_entity.type
_entity.pdbx_description
1 polymer 'RNA (56-MER)'
2 non-polymer 'SODIUM ION'
3 non-polymer 'STRONTIUM ION'
4 water water
#
_entity_poly.entity_id   1
_entity_poly.type   'polyribonucleotide'
_entity_poly.pdbx_seq_one_letter_code
;GACGCCGGUGGUGGCACUCCUGGUUUUCAGGACGGGGUUCAAUUCCCUGCGGUGUC
;
_entity_poly.pdbx_strand_id   A,B
#